data_5ZWT
#
_entry.id   5ZWT
#
_cell.length_a   83.506
_cell.length_b   83.506
_cell.length_c   99.584
_cell.angle_alpha   90.00
_cell.angle_beta   90.00
_cell.angle_gamma   90.00
#
_symmetry.space_group_name_H-M   'I 4 2 2'
#
loop_
_entity.id
_entity.type
_entity.pdbx_description
1 polymer 'Acyl carrier protein'
2 water water
#
_entity_poly.entity_id   1
_entity_poly.type   'polypeptide(L)'
_entity_poly.pdbx_seq_one_letter_code
;GSHMNDVLTRVLEVVKNFEKVDASKVTPESHFVKDLGLNALDVVEVVFAIEQEFILDIPDHDAEKIQSIPDAVEYIAQNP
MAK
;
_entity_poly.pdbx_strand_id   A,B
#
# COMPACT_ATOMS: atom_id res chain seq x y z
N GLY A 1 5.88 5.02 -5.29
CA GLY A 1 4.90 5.19 -4.21
C GLY A 1 5.50 5.12 -2.81
N SER A 2 4.64 4.92 -1.81
CA SER A 2 5.10 4.88 -0.43
C SER A 2 4.03 4.19 0.42
N HIS A 3 4.44 3.71 1.59
CA HIS A 3 3.50 3.05 2.49
C HIS A 3 2.42 4.00 2.97
N MET A 4 2.80 5.24 3.29
CA MET A 4 1.79 6.17 3.78
C MET A 4 0.78 6.50 2.68
N ASN A 5 1.25 6.58 1.42
CA ASN A 5 0.33 6.83 0.32
C ASN A 5 -0.56 5.62 0.05
N ASP A 6 -0.03 4.41 0.24
CA ASP A 6 -0.87 3.21 0.13
C ASP A 6 -2.03 3.23 1.11
N VAL A 7 -1.74 3.58 2.36
CA VAL A 7 -2.81 3.67 3.37
C VAL A 7 -3.77 4.79 3.00
N LEU A 8 -3.21 5.94 2.63
CA LEU A 8 -4.05 7.10 2.31
C LEU A 8 -5.00 6.78 1.16
N THR A 9 -4.49 6.11 0.13
CA THR A 9 -5.32 5.74 -1.03
C THR A 9 -6.50 4.89 -0.60
N ARG A 10 -6.27 3.96 0.31
CA ARG A 10 -7.39 3.12 0.71
C ARG A 10 -8.31 3.85 1.69
N VAL A 11 -7.77 4.72 2.54
CA VAL A 11 -8.67 5.49 3.41
C VAL A 11 -9.55 6.41 2.58
N LEU A 12 -8.99 7.02 1.54
CA LEU A 12 -9.77 7.96 0.72
C LEU A 12 -10.95 7.26 0.09
N GLU A 13 -10.77 6.01 -0.33
CA GLU A 13 -11.86 5.32 -1.02
C GLU A 13 -12.91 4.83 -0.03
N VAL A 14 -12.49 4.46 1.18
CA VAL A 14 -13.46 4.15 2.22
C VAL A 14 -14.34 5.36 2.51
N VAL A 15 -13.72 6.54 2.65
CA VAL A 15 -14.49 7.71 3.06
C VAL A 15 -15.37 8.20 1.93
N LYS A 16 -14.83 8.21 0.70
CA LYS A 16 -15.58 8.68 -0.45
C LYS A 16 -16.81 7.80 -0.70
N ASN A 17 -16.68 6.51 -0.45
CA ASN A 17 -17.77 5.58 -0.73
C ASN A 17 -18.79 5.49 0.40
N PHE A 18 -18.55 6.18 1.51
CA PHE A 18 -19.53 6.19 2.58
C PHE A 18 -20.77 7.00 2.21
N GLU A 19 -21.94 6.47 2.58
CA GLU A 19 -23.22 6.94 2.05
C GLU A 19 -23.58 8.34 2.54
N LYS A 20 -23.06 8.77 3.69
CA LYS A 20 -23.37 10.10 4.19
C LYS A 20 -22.32 11.15 3.80
N VAL A 21 -21.33 10.77 2.98
CA VAL A 21 -20.23 11.63 2.53
C VAL A 21 -20.44 12.04 1.08
N ASP A 22 -20.26 13.33 0.79
CA ASP A 22 -20.12 13.79 -0.60
C ASP A 22 -18.68 13.56 -1.04
N ALA A 23 -18.48 12.60 -1.97
CA ALA A 23 -17.13 12.19 -2.36
C ALA A 23 -16.33 13.33 -2.96
N SER A 24 -17.00 14.28 -3.63
CA SER A 24 -16.26 15.34 -4.30
C SER A 24 -15.56 16.29 -3.32
N LYS A 25 -15.92 16.28 -2.03
CA LYS A 25 -15.28 17.18 -1.06
C LYS A 25 -14.11 16.55 -0.32
N VAL A 26 -13.85 15.26 -0.51
CA VAL A 26 -12.87 14.51 0.27
C VAL A 26 -11.46 14.78 -0.25
N THR A 27 -10.55 15.23 0.62
CA THR A 27 -9.14 15.35 0.32
C THR A 27 -8.34 14.60 1.38
N PRO A 28 -7.04 14.43 1.17
CA PRO A 28 -6.19 13.86 2.25
C PRO A 28 -6.20 14.65 3.56
N GLU A 29 -6.76 15.86 3.60
CA GLU A 29 -6.82 16.62 4.85
C GLU A 29 -8.23 16.81 5.38
N SER A 30 -9.22 16.09 4.86
CA SER A 30 -10.61 16.33 5.26
C SER A 30 -10.81 15.99 6.73
N HIS A 31 -11.43 16.92 7.45
CA HIS A 31 -11.89 16.67 8.82
C HIS A 31 -13.33 16.20 8.75
N PHE A 32 -13.63 15.12 9.47
CA PHE A 32 -14.92 14.48 9.29
C PHE A 32 -16.06 15.45 9.55
N VAL A 33 -15.96 16.26 10.60
CA VAL A 33 -17.06 17.14 10.99
C VAL A 33 -17.00 18.48 10.27
N LYS A 34 -15.89 19.21 10.37
CA LYS A 34 -15.92 20.57 9.81
C LYS A 34 -15.90 20.57 8.28
N ASP A 35 -15.35 19.53 7.64
CA ASP A 35 -15.27 19.50 6.18
C ASP A 35 -16.30 18.60 5.53
N LEU A 36 -16.61 17.44 6.11
CA LEU A 36 -17.54 16.53 5.49
C LEU A 36 -18.92 16.52 6.14
N GLY A 37 -19.12 17.31 7.19
CA GLY A 37 -20.43 17.47 7.79
C GLY A 37 -21.01 16.24 8.47
N LEU A 38 -20.17 15.28 8.84
CA LEU A 38 -20.63 14.08 9.51
C LEU A 38 -20.84 14.34 11.00
N ASN A 39 -21.80 13.60 11.58
CA ASN A 39 -21.97 13.64 13.02
C ASN A 39 -21.20 12.49 13.67
N ALA A 40 -21.29 12.39 14.99
CA ALA A 40 -20.52 11.37 15.70
C ALA A 40 -20.97 9.97 15.32
N LEU A 41 -22.27 9.76 15.05
CA LEU A 41 -22.73 8.46 14.58
C LEU A 41 -22.12 8.13 13.22
N ASP A 42 -22.11 9.10 12.29
CA ASP A 42 -21.45 8.85 11.01
C ASP A 42 -19.99 8.50 11.20
N VAL A 43 -19.28 9.23 12.06
CA VAL A 43 -17.84 9.03 12.21
C VAL A 43 -17.54 7.63 12.70
N VAL A 44 -18.35 7.14 13.65
CA VAL A 44 -18.20 5.78 14.14
C VAL A 44 -18.36 4.78 13.01
N GLU A 45 -19.34 4.98 12.13
CA GLU A 45 -19.49 4.03 11.04
C GLU A 45 -18.36 4.16 10.04
N VAL A 46 -17.82 5.36 9.87
CA VAL A 46 -16.66 5.53 9.01
C VAL A 46 -15.44 4.84 9.62
N VAL A 47 -15.23 5.04 10.93
CA VAL A 47 -14.15 4.35 11.64
C VAL A 47 -14.31 2.83 11.51
N PHE A 48 -15.55 2.33 11.62
CA PHE A 48 -15.76 0.89 11.48
C PHE A 48 -15.39 0.41 10.07
N ALA A 49 -15.77 1.18 9.04
CA ALA A 49 -15.40 0.80 7.68
C ALA A 49 -13.89 0.82 7.47
N ILE A 50 -13.20 1.74 8.15
CA ILE A 50 -11.73 1.73 8.14
C ILE A 50 -11.20 0.49 8.84
N GLU A 51 -11.86 0.06 9.94
CA GLU A 51 -11.41 -1.15 10.62
C GLU A 51 -11.54 -2.36 9.71
N GLN A 52 -12.61 -2.40 8.89
CA GLN A 52 -12.84 -3.53 8.01
C GLN A 52 -11.96 -3.45 6.77
N GLU A 53 -11.62 -2.24 6.32
CA GLU A 53 -10.74 -2.15 5.15
C GLU A 53 -9.35 -2.67 5.49
N PHE A 54 -8.86 -2.39 6.68
CA PHE A 54 -7.52 -2.77 7.06
C PHE A 54 -7.48 -3.95 8.01
N ILE A 55 -8.63 -4.59 8.28
CA ILE A 55 -8.69 -5.76 9.15
C ILE A 55 -7.98 -5.43 10.45
N LEU A 56 -8.37 -4.30 11.04
CA LEU A 56 -7.81 -3.85 12.29
C LEU A 56 -8.95 -3.70 13.28
N ASP A 57 -8.65 -4.00 14.53
CA ASP A 57 -9.59 -3.68 15.60
C ASP A 57 -8.93 -2.50 16.31
N ILE A 58 -9.57 -1.35 16.23
CA ILE A 58 -9.03 -0.12 16.80
C ILE A 58 -9.67 0.05 18.16
N PRO A 59 -8.89 0.04 19.25
CA PRO A 59 -9.49 0.21 20.57
C PRO A 59 -10.15 1.56 20.68
N ASP A 60 -11.14 1.65 21.57
CA ASP A 60 -11.91 2.88 21.68
C ASP A 60 -11.01 4.05 22.03
N HIS A 61 -9.93 3.82 22.78
CA HIS A 61 -9.02 4.89 23.13
C HIS A 61 -8.43 5.55 21.88
N ASP A 62 -8.07 4.75 20.86
CA ASP A 62 -7.52 5.33 19.65
C ASP A 62 -8.56 5.66 18.60
N ALA A 63 -9.73 5.01 18.63
CA ALA A 63 -10.78 5.37 17.69
C ALA A 63 -11.33 6.76 17.96
N GLU A 64 -11.43 7.15 19.25
CA GLU A 64 -11.96 8.47 19.58
C GLU A 64 -11.11 9.60 19.02
N LYS A 65 -9.81 9.36 18.85
CA LYS A 65 -8.92 10.39 18.35
C LYS A 65 -9.01 10.58 16.85
N ILE A 66 -9.61 9.64 16.13
CA ILE A 66 -9.67 9.67 14.66
C ILE A 66 -10.84 10.58 14.26
N GLN A 67 -10.52 11.82 13.86
CA GLN A 67 -11.56 12.78 13.47
C GLN A 67 -11.30 13.40 12.10
N SER A 68 -10.32 12.90 11.36
CA SER A 68 -9.98 13.44 10.06
C SER A 68 -9.25 12.35 9.31
N ILE A 69 -9.09 12.57 8.00
CA ILE A 69 -8.33 11.60 7.21
C ILE A 69 -6.86 11.58 7.63
N PRO A 70 -6.20 12.72 7.91
CA PRO A 70 -4.85 12.61 8.48
C PRO A 70 -4.81 11.80 9.77
N ASP A 71 -5.78 11.96 10.66
CA ASP A 71 -5.78 11.16 11.89
C ASP A 71 -5.81 9.67 11.57
N ALA A 72 -6.68 9.28 10.62
CA ALA A 72 -6.80 7.87 10.27
C ALA A 72 -5.53 7.34 9.62
N VAL A 73 -4.97 8.11 8.67
CA VAL A 73 -3.79 7.63 7.95
C VAL A 73 -2.59 7.53 8.87
N GLU A 74 -2.39 8.53 9.74
CA GLU A 74 -1.26 8.49 10.67
C GLU A 74 -1.35 7.29 11.60
N TYR A 75 -2.57 6.97 12.08
CA TYR A 75 -2.75 5.84 12.97
C TYR A 75 -2.57 4.52 12.24
N ILE A 76 -3.21 4.37 11.08
CA ILE A 76 -3.16 3.09 10.38
C ILE A 76 -1.74 2.80 9.91
N ALA A 77 -1.07 3.81 9.36
CA ALA A 77 0.28 3.59 8.83
C ALA A 77 1.25 3.15 9.91
N GLN A 78 1.08 3.64 11.14
CA GLN A 78 1.96 3.31 12.25
C GLN A 78 1.59 2.00 12.94
N ASN A 79 0.41 1.47 12.69
CA ASN A 79 -0.01 0.24 13.36
C ASN A 79 0.62 -0.95 12.65
N PRO A 80 1.42 -1.76 13.35
CA PRO A 80 2.07 -2.89 12.66
C PRO A 80 1.08 -3.92 12.16
N MET A 81 0.00 -4.17 12.90
CA MET A 81 -1.06 -5.00 12.36
C MET A 81 -1.77 -4.22 11.27
N ALA A 82 -1.86 -4.80 10.08
CA ALA A 82 -2.43 -4.07 8.95
C ALA A 82 -2.68 -5.05 7.81
N LYS A 83 -3.61 -4.70 6.95
CA LYS A 83 -3.88 -5.49 5.77
C LYS A 83 -4.27 -4.59 4.61
N GLY B 1 -9.09 -2.59 -0.90
CA GLY B 1 -7.76 -3.03 -1.31
C GLY B 1 -7.13 -3.96 -0.30
N SER B 2 -5.80 -4.11 -0.34
CA SER B 2 -5.09 -4.99 0.58
C SER B 2 -3.62 -4.64 0.58
N HIS B 3 -2.92 -5.07 1.64
CA HIS B 3 -1.48 -4.83 1.70
C HIS B 3 -0.77 -5.56 0.58
N MET B 4 -1.22 -6.77 0.24
CA MET B 4 -0.57 -7.51 -0.82
C MET B 4 -0.78 -6.82 -2.17
N ASN B 5 -1.97 -6.24 -2.40
CA ASN B 5 -2.15 -5.52 -3.65
C ASN B 5 -1.37 -4.22 -3.64
N ASP B 6 -1.25 -3.57 -2.48
CA ASP B 6 -0.41 -2.38 -2.39
C ASP B 6 1.02 -2.69 -2.81
N VAL B 7 1.56 -3.82 -2.31
CA VAL B 7 2.92 -4.20 -2.66
C VAL B 7 3.05 -4.52 -4.14
N LEU B 8 2.11 -5.31 -4.67
CA LEU B 8 2.14 -5.71 -6.07
C LEU B 8 2.07 -4.51 -6.99
N THR B 9 1.24 -3.52 -6.64
CA THR B 9 1.09 -2.34 -7.49
C THR B 9 2.42 -1.63 -7.65
N ARG B 10 3.19 -1.51 -6.56
CA ARG B 10 4.46 -0.79 -6.63
C ARG B 10 5.57 -1.63 -7.25
N VAL B 11 5.57 -2.94 -7.05
CA VAL B 11 6.53 -3.78 -7.77
C VAL B 11 6.26 -3.74 -9.27
N LEU B 12 4.98 -3.70 -9.66
CA LEU B 12 4.68 -3.64 -11.09
C LEU B 12 5.24 -2.38 -11.73
N GLU B 13 5.14 -1.25 -11.04
CA GLU B 13 5.61 -0.03 -11.69
C GLU B 13 7.12 0.05 -11.68
N VAL B 14 7.78 -0.52 -10.67
CA VAL B 14 9.25 -0.60 -10.70
C VAL B 14 9.70 -1.42 -11.90
N VAL B 15 9.08 -2.59 -12.10
CA VAL B 15 9.55 -3.49 -13.14
C VAL B 15 9.20 -2.97 -14.52
N LYS B 16 8.00 -2.38 -14.68
CA LYS B 16 7.63 -1.83 -15.97
C LYS B 16 8.54 -0.67 -16.40
N ASN B 17 8.97 0.15 -15.44
CA ASN B 17 9.75 1.34 -15.77
C ASN B 17 11.25 1.05 -15.92
N PHE B 18 11.69 -0.18 -15.63
CA PHE B 18 13.10 -0.52 -15.79
C PHE B 18 13.44 -0.55 -17.29
N GLU B 19 14.58 0.02 -17.64
CA GLU B 19 14.82 0.31 -19.05
C GLU B 19 14.98 -0.95 -19.89
N LYS B 20 15.52 -2.02 -19.32
CA LYS B 20 15.76 -3.25 -20.08
C LYS B 20 14.54 -4.16 -20.10
N VAL B 21 13.43 -3.71 -19.56
CA VAL B 21 12.20 -4.49 -19.50
C VAL B 21 11.26 -3.96 -20.57
N ASP B 22 10.68 -4.86 -21.36
CA ASP B 22 9.54 -4.52 -22.20
C ASP B 22 8.28 -4.54 -21.33
N ALA B 23 7.74 -3.35 -21.05
CA ALA B 23 6.63 -3.23 -20.12
C ALA B 23 5.41 -4.02 -20.58
N SER B 24 5.21 -4.14 -21.90
CA SER B 24 4.04 -4.82 -22.41
C SER B 24 4.02 -6.31 -22.07
N LYS B 25 5.15 -6.86 -21.66
CA LYS B 25 5.21 -8.26 -21.29
C LYS B 25 4.98 -8.47 -19.79
N VAL B 26 4.92 -7.40 -19.01
CA VAL B 26 4.88 -7.53 -17.56
C VAL B 26 3.48 -7.93 -17.12
N THR B 27 3.39 -8.95 -16.28
CA THR B 27 2.17 -9.36 -15.60
C THR B 27 2.46 -9.49 -14.12
N PRO B 28 1.44 -9.65 -13.29
CA PRO B 28 1.72 -9.95 -11.87
C PRO B 28 2.46 -11.29 -11.64
N GLU B 29 2.60 -12.16 -12.65
CA GLU B 29 3.32 -13.42 -12.48
C GLU B 29 4.62 -13.48 -13.25
N SER B 30 5.12 -12.34 -13.75
CA SER B 30 6.29 -12.35 -14.63
C SER B 30 7.53 -12.84 -13.88
N HIS B 31 8.13 -13.91 -14.41
CA HIS B 31 9.48 -14.31 -14.02
C HIS B 31 10.49 -13.45 -14.78
N PHE B 32 11.52 -12.98 -14.06
CA PHE B 32 12.43 -11.99 -14.62
C PHE B 32 13.18 -12.53 -15.84
N VAL B 33 13.63 -13.79 -15.78
CA VAL B 33 14.37 -14.37 -16.90
C VAL B 33 13.45 -15.10 -17.85
N LYS B 34 12.64 -16.02 -17.32
CA LYS B 34 11.83 -16.90 -18.17
C LYS B 34 10.70 -16.15 -18.86
N ASP B 35 10.26 -15.01 -18.33
CA ASP B 35 9.22 -14.24 -18.99
C ASP B 35 9.71 -12.92 -19.55
N LEU B 36 10.56 -12.20 -18.84
CA LEU B 36 10.99 -10.90 -19.33
C LEU B 36 12.36 -10.94 -19.98
N GLY B 37 12.99 -12.12 -20.04
CA GLY B 37 14.22 -12.27 -20.79
C GLY B 37 15.41 -11.52 -20.24
N LEU B 38 15.42 -11.18 -18.96
CA LEU B 38 16.51 -10.39 -18.39
C LEU B 38 17.73 -11.26 -18.11
N ASN B 39 18.92 -10.65 -18.21
CA ASN B 39 20.15 -11.36 -17.89
C ASN B 39 20.50 -11.16 -16.42
N ALA B 40 21.64 -11.72 -16.03
CA ALA B 40 22.00 -11.73 -14.62
C ALA B 40 22.21 -10.32 -14.08
N LEU B 41 22.80 -9.43 -14.89
CA LEU B 41 23.01 -8.05 -14.44
C LEU B 41 21.68 -7.32 -14.29
N ASP B 42 20.79 -7.47 -15.27
CA ASP B 42 19.47 -6.84 -15.18
C ASP B 42 18.72 -7.26 -13.93
N VAL B 43 18.81 -8.53 -13.55
CA VAL B 43 18.09 -8.99 -12.36
C VAL B 43 18.63 -8.28 -11.13
N VAL B 44 19.96 -8.17 -11.01
CA VAL B 44 20.54 -7.52 -9.84
C VAL B 44 20.06 -6.07 -9.75
N GLU B 45 20.04 -5.36 -10.87
CA GLU B 45 19.64 -3.96 -10.80
C GLU B 45 18.13 -3.81 -10.61
N VAL B 46 17.33 -4.73 -11.14
CA VAL B 46 15.88 -4.66 -10.94
C VAL B 46 15.53 -4.92 -9.48
N VAL B 47 16.13 -5.96 -8.89
CA VAL B 47 15.88 -6.25 -7.49
C VAL B 47 16.29 -5.07 -6.61
N PHE B 48 17.41 -4.42 -6.95
CA PHE B 48 17.83 -3.26 -6.17
C PHE B 48 16.82 -2.13 -6.30
N ALA B 49 16.31 -1.89 -7.51
CA ALA B 49 15.31 -0.85 -7.69
C ALA B 49 14.04 -1.18 -6.92
N ILE B 50 13.69 -2.46 -6.82
CA ILE B 50 12.58 -2.87 -5.97
C ILE B 50 12.91 -2.57 -4.52
N GLU B 51 14.17 -2.77 -4.12
CA GLU B 51 14.60 -2.46 -2.76
C GLU B 51 14.47 -0.98 -2.47
N GLN B 52 14.90 -0.14 -3.41
CA GLN B 52 14.83 1.31 -3.18
C GLN B 52 13.39 1.78 -3.07
N GLU B 53 12.50 1.18 -3.85
CA GLU B 53 11.09 1.58 -3.81
C GLU B 53 10.50 1.36 -2.43
N PHE B 54 10.92 0.31 -1.72
CA PHE B 54 10.36 -0.01 -0.41
C PHE B 54 11.29 0.38 0.74
N ILE B 55 12.36 1.14 0.45
CA ILE B 55 13.27 1.65 1.48
C ILE B 55 13.73 0.45 2.29
N LEU B 56 14.09 -0.63 1.59
CA LEU B 56 14.45 -1.90 2.21
C LEU B 56 15.84 -2.31 1.78
N ASP B 57 16.58 -2.95 2.68
CA ASP B 57 17.81 -3.64 2.34
C ASP B 57 17.61 -5.13 2.56
N ILE B 58 17.72 -5.90 1.49
CA ILE B 58 17.57 -7.35 1.52
C ILE B 58 18.97 -7.96 1.50
N PRO B 59 19.35 -8.83 2.45
CA PRO B 59 20.66 -9.45 2.36
C PRO B 59 20.78 -10.25 1.07
N ASP B 60 22.02 -10.36 0.59
CA ASP B 60 22.25 -10.94 -0.74
C ASP B 60 21.74 -12.38 -0.84
N HIS B 61 21.78 -13.14 0.26
CA HIS B 61 21.32 -14.53 0.21
C HIS B 61 19.87 -14.64 -0.25
N ASP B 62 18.99 -13.78 0.25
CA ASP B 62 17.60 -13.82 -0.15
C ASP B 62 17.27 -12.91 -1.33
N ALA B 63 18.10 -11.91 -1.60
CA ALA B 63 17.91 -11.12 -2.80
C ALA B 63 18.09 -12.00 -4.03
N GLU B 64 19.03 -12.96 -3.96
CA GLU B 64 19.24 -13.90 -5.07
C GLU B 64 18.05 -14.84 -5.27
N LYS B 65 17.25 -15.06 -4.23
CA LYS B 65 16.07 -15.91 -4.39
C LYS B 65 14.94 -15.22 -5.13
N ILE B 66 14.99 -13.89 -5.25
CA ILE B 66 13.95 -13.11 -5.91
C ILE B 66 14.19 -13.18 -7.42
N GLN B 67 13.37 -13.98 -8.12
CA GLN B 67 13.51 -14.18 -9.55
C GLN B 67 12.22 -13.87 -10.32
N SER B 68 11.21 -13.32 -9.65
CA SER B 68 9.93 -13.05 -10.29
C SER B 68 9.18 -11.99 -9.50
N ILE B 69 8.12 -11.47 -10.12
CA ILE B 69 7.28 -10.50 -9.43
C ILE B 69 6.55 -11.20 -8.27
N PRO B 70 6.01 -12.41 -8.43
CA PRO B 70 5.48 -13.11 -7.24
C PRO B 70 6.50 -13.29 -6.12
N ASP B 71 7.73 -13.68 -6.45
CA ASP B 71 8.76 -13.81 -5.40
C ASP B 71 8.98 -12.47 -4.70
N ALA B 72 9.08 -11.39 -5.46
CA ALA B 72 9.29 -10.07 -4.86
C ALA B 72 8.10 -9.65 -4.01
N VAL B 73 6.88 -9.85 -4.51
CA VAL B 73 5.68 -9.44 -3.78
C VAL B 73 5.51 -10.30 -2.53
N GLU B 74 5.72 -11.62 -2.65
CA GLU B 74 5.60 -12.48 -1.47
C GLU B 74 6.62 -12.09 -0.40
N TYR B 75 7.85 -11.76 -0.81
CA TYR B 75 8.89 -11.42 0.16
C TYR B 75 8.64 -10.05 0.79
N ILE B 76 8.33 -9.04 -0.02
CA ILE B 76 8.22 -7.68 0.50
C ILE B 76 7.04 -7.56 1.45
N ALA B 77 5.91 -8.19 1.09
CA ALA B 77 4.71 -8.12 1.93
C ALA B 77 4.92 -8.74 3.29
N GLN B 78 5.76 -9.78 3.38
CA GLN B 78 6.02 -10.44 4.65
C GLN B 78 7.06 -9.70 5.48
N ASN B 79 7.81 -8.80 4.89
CA ASN B 79 8.83 -8.07 5.63
C ASN B 79 8.19 -6.95 6.41
N PRO B 80 8.24 -6.97 7.74
CA PRO B 80 7.59 -5.91 8.52
C PRO B 80 8.27 -4.56 8.39
N MET B 81 9.59 -4.51 8.19
CA MET B 81 10.29 -3.24 8.01
C MET B 81 9.99 -2.56 6.67
N ALA B 82 9.15 -3.14 5.82
CA ALA B 82 8.87 -2.56 4.52
C ALA B 82 8.22 -1.19 4.65
N LYS B 83 8.42 -0.37 3.63
CA LYS B 83 7.82 0.96 3.59
C LYS B 83 7.39 1.30 2.16
#